data_9MRD
#
_entry.id   9MRD
#
_cell.length_a   84.000
_cell.length_b   96.660
_cell.length_c   65.560
_cell.angle_alpha   90.000
_cell.angle_beta   90.000
_cell.angle_gamma   90.000
#
_symmetry.space_group_name_H-M   'C 2 2 21'
#
loop_
_entity.id
_entity.type
_entity.pdbx_description
1 polymer 'exodeoxyribonuclease III'
2 polymer "DNA(5'-*AP*CP*TP*GP*A-3')"
3 non-polymer 'SULFATE ION'
4 non-polymer 'CALCIUM ION'
5 water water
#
loop_
_entity_poly.entity_id
_entity_poly.type
_entity_poly.pdbx_seq_one_letter_code
_entity_poly.pdbx_strand_id
1 'polypeptide(L)'
;MISEEETLVFFDLETTGLDTSRCDIVQLSAISGTQVFSVYLLPRCCITEGASQVTGLWVDGSTLMLRERPVQTVPHQQAL
TGFIRFLQNQTFGRPILVGHNSRRFDWPILRRVLEEFGLLQEFRSCVSECVDTLSLSREMFRNALQKFSQPFLVQHFLQQ
EYRAHDASEDVRTLQELYRVWRPSLELRDNHTFRL
;
A
2 'polydeoxyribonucleotide' (DA)(DC)(DG)(DA) D
#
# COMPACT_ATOMS: atom_id res chain seq x y z
N GLU A 5 -5.05 -7.42 20.87
CA GLU A 5 -4.51 -8.43 19.97
C GLU A 5 -4.54 -7.91 18.52
N GLU A 6 -5.36 -6.91 18.22
CA GLU A 6 -5.38 -6.38 16.85
C GLU A 6 -4.12 -5.56 16.58
N THR A 7 -3.70 -5.54 15.31
CA THR A 7 -2.51 -4.79 14.91
C THR A 7 -2.79 -4.12 13.57
N LEU A 8 -2.47 -2.84 13.46
CA LEU A 8 -2.67 -2.11 12.21
C LEU A 8 -1.46 -2.31 11.29
N VAL A 9 -1.70 -2.61 10.05
CA VAL A 9 -0.63 -2.76 9.05
C VAL A 9 -0.90 -1.71 7.99
N PHE A 10 -0.11 -0.64 7.97
CA PHE A 10 -0.21 0.38 6.93
C PHE A 10 0.52 -0.13 5.69
N PHE A 11 -0.14 -0.08 4.52
CA PHE A 11 0.45 -0.63 3.30
C PHE A 11 0.24 0.31 2.13
N ASP A 12 1.05 0.12 1.11
CA ASP A 12 1.11 1.05 0.02
C ASP A 12 1.69 0.31 -1.17
N LEU A 13 1.21 0.67 -2.34
CA LEU A 13 1.66 0.12 -3.61
C LEU A 13 2.27 1.24 -4.45
N GLU A 14 3.38 0.97 -5.10
CA GLU A 14 3.75 1.75 -6.27
C GLU A 14 3.38 0.88 -7.48
N THR A 15 2.95 1.52 -8.56
CA THR A 15 2.37 0.79 -9.67
C THR A 15 2.84 1.36 -10.99
N THR A 16 2.45 0.70 -12.07
CA THR A 16 2.79 1.17 -13.41
C THR A 16 1.90 2.31 -13.88
N GLY A 17 0.82 2.61 -13.19
CA GLY A 17 -0.08 3.67 -13.62
C GLY A 17 -1.39 3.64 -12.83
N LEU A 18 -2.39 4.32 -13.36
CA LEU A 18 -3.58 4.54 -12.58
C LEU A 18 -4.75 3.63 -12.96
N ASP A 19 -4.59 2.75 -13.93
CA ASP A 19 -5.69 1.90 -14.37
C ASP A 19 -5.74 0.71 -13.43
N THR A 20 -6.71 0.69 -12.51
CA THR A 20 -6.70 -0.33 -11.47
C THR A 20 -7.05 -1.70 -12.02
N SER A 21 -7.61 -1.78 -13.22
CA SER A 21 -7.92 -3.08 -13.83
CA SER A 21 -7.92 -3.08 -13.83
C SER A 21 -6.71 -3.70 -14.51
N ARG A 22 -5.63 -2.97 -14.70
CA ARG A 22 -4.53 -3.50 -15.51
C ARG A 22 -3.14 -3.17 -15.00
N CYS A 23 -2.96 -2.16 -14.16
CA CYS A 23 -1.61 -1.77 -13.78
C CYS A 23 -0.96 -2.90 -13.01
N ASP A 24 0.35 -2.98 -13.12
CA ASP A 24 1.10 -3.93 -12.33
C ASP A 24 1.65 -3.23 -11.10
N ILE A 25 2.03 -4.06 -10.13
CA ILE A 25 2.65 -3.57 -8.89
C ILE A 25 4.16 -3.50 -9.11
N VAL A 26 4.77 -2.36 -8.79
N VAL A 26 4.74 -2.35 -8.79
CA VAL A 26 6.22 -2.24 -8.83
CA VAL A 26 6.18 -2.13 -8.84
C VAL A 26 6.86 -2.07 -7.46
C VAL A 26 6.82 -2.17 -7.46
N GLN A 27 6.07 -1.80 -6.42
CA GLN A 27 6.61 -1.78 -5.06
C GLN A 27 5.45 -2.14 -4.14
N LEU A 28 5.70 -3.02 -3.18
CA LEU A 28 4.73 -3.39 -2.17
C LEU A 28 5.39 -3.21 -0.82
N SER A 29 4.81 -2.37 0.05
CA SER A 29 5.44 -2.01 1.30
CA SER A 29 5.44 -2.02 1.31
C SER A 29 4.39 -1.98 2.39
N ALA A 30 4.83 -2.25 3.62
CA ALA A 30 3.91 -2.24 4.76
C ALA A 30 4.73 -2.00 6.03
N ILE A 31 4.10 -1.37 7.01
CA ILE A 31 4.69 -1.20 8.32
C ILE A 31 3.63 -1.52 9.35
N SER A 32 4.02 -2.22 10.40
CA SER A 32 3.13 -2.56 11.49
C SER A 32 3.96 -2.34 12.75
N GLY A 33 3.76 -1.19 13.40
CA GLY A 33 4.62 -0.76 14.49
C GLY A 33 6.02 -0.52 14.00
N THR A 34 6.97 -1.34 14.48
CA THR A 34 8.35 -1.27 14.03
C THR A 34 8.68 -2.23 12.89
N GLN A 35 7.79 -3.18 12.58
CA GLN A 35 8.07 -4.18 11.56
C GLN A 35 7.82 -3.59 10.18
N VAL A 36 8.75 -3.80 9.26
CA VAL A 36 8.66 -3.23 7.91
C VAL A 36 8.84 -4.33 6.88
N PHE A 37 7.99 -4.27 5.86
CA PHE A 37 8.04 -5.16 4.72
C PHE A 37 8.14 -4.28 3.49
N SER A 38 9.06 -4.56 2.59
CA SER A 38 9.11 -3.77 1.38
C SER A 38 9.87 -4.50 0.29
N VAL A 39 9.24 -4.62 -0.88
CA VAL A 39 9.85 -5.30 -2.02
CA VAL A 39 9.84 -5.29 -2.01
C VAL A 39 9.55 -4.52 -3.28
N TYR A 40 10.49 -4.57 -4.22
CA TYR A 40 10.26 -4.10 -5.58
C TYR A 40 9.96 -5.30 -6.48
N LEU A 41 9.13 -5.08 -7.49
CA LEU A 41 8.77 -6.09 -8.47
C LEU A 41 9.09 -5.52 -9.85
N LEU A 42 9.49 -6.41 -10.75
CA LEU A 42 9.69 -6.01 -12.14
C LEU A 42 8.35 -6.08 -12.86
N PRO A 43 7.84 -4.98 -13.40
CA PRO A 43 6.49 -5.01 -13.96
C PRO A 43 6.41 -5.80 -15.24
N ARG A 44 5.22 -6.35 -15.48
CA ARG A 44 4.87 -7.13 -16.65
C ARG A 44 4.18 -6.27 -17.71
N CYS A 45 4.15 -4.97 -17.50
CA CYS A 45 3.64 -4.04 -18.47
C CYS A 45 4.48 -2.78 -18.34
N CYS A 46 4.23 -1.82 -19.25
CA CYS A 46 5.02 -0.59 -19.25
C CYS A 46 4.65 0.30 -18.05
N ILE A 47 5.65 1.00 -17.50
CA ILE A 47 5.40 2.06 -16.53
C ILE A 47 5.07 3.31 -17.32
N THR A 48 3.90 3.90 -17.05
CA THR A 48 3.49 5.09 -17.79
C THR A 48 4.44 6.23 -17.45
N GLU A 49 4.50 7.21 -18.35
CA GLU A 49 5.35 8.37 -18.10
C GLU A 49 4.85 9.14 -16.88
N GLY A 50 3.53 9.23 -16.71
CA GLY A 50 2.98 9.88 -15.53
C GLY A 50 3.42 9.20 -14.25
N ALA A 51 3.44 7.86 -14.25
CA ALA A 51 3.87 7.12 -13.07
C ALA A 51 5.35 7.35 -12.80
N SER A 52 6.18 7.31 -13.83
CA SER A 52 7.59 7.59 -13.63
C SER A 52 7.81 8.99 -13.09
N GLN A 53 7.04 9.95 -13.58
CA GLN A 53 7.17 11.34 -13.10
C GLN A 53 6.90 11.42 -11.61
N VAL A 54 5.91 10.69 -11.13
CA VAL A 54 5.55 10.71 -9.72
C VAL A 54 6.56 9.93 -8.86
N THR A 55 6.99 8.77 -9.30
CA THR A 55 7.78 7.90 -8.42
C THR A 55 9.26 7.92 -8.72
N GLY A 56 9.66 8.38 -9.89
CA GLY A 56 11.02 8.18 -10.33
C GLY A 56 11.36 6.77 -10.73
N LEU A 57 10.38 5.85 -10.72
CA LEU A 57 10.66 4.47 -11.10
C LEU A 57 10.49 4.30 -12.60
N TRP A 58 11.44 3.60 -13.22
CA TRP A 58 11.40 3.30 -14.64
C TRP A 58 12.18 2.02 -14.87
N VAL A 59 12.07 1.48 -16.08
CA VAL A 59 12.63 0.18 -16.43
C VAL A 59 13.65 0.38 -17.55
N ASP A 60 14.87 -0.06 -17.30
CA ASP A 60 15.94 -0.04 -18.31
C ASP A 60 16.13 -1.50 -18.72
N GLY A 61 15.44 -1.91 -19.78
CA GLY A 61 15.52 -3.29 -20.21
C GLY A 61 14.79 -4.24 -19.31
N SER A 62 15.53 -5.02 -18.53
CA SER A 62 14.98 -5.85 -17.47
C SER A 62 15.41 -5.37 -16.09
N THR A 63 15.91 -4.13 -16.00
CA THR A 63 16.39 -3.58 -14.74
C THR A 63 15.46 -2.48 -14.27
N LEU A 64 14.90 -2.66 -13.08
CA LEU A 64 14.09 -1.61 -12.46
C LEU A 64 15.02 -0.55 -11.90
N MET A 65 14.71 0.70 -12.18
CA MET A 65 15.55 1.84 -11.83
C MET A 65 14.75 2.79 -10.95
N LEU A 66 15.36 3.23 -9.85
CA LEU A 66 14.84 4.33 -9.05
C LEU A 66 15.76 5.50 -9.35
N ARG A 67 15.29 6.42 -10.19
CA ARG A 67 16.13 7.51 -10.69
C ARG A 67 17.35 6.89 -11.35
N GLU A 68 18.57 7.16 -10.88
CA GLU A 68 19.75 6.67 -11.57
C GLU A 68 20.32 5.40 -10.96
N ARG A 69 19.62 4.77 -10.04
CA ARG A 69 20.12 3.61 -9.33
C ARG A 69 19.25 2.39 -9.64
N PRO A 70 19.87 1.28 -10.05
CA PRO A 70 19.12 0.03 -10.09
C PRO A 70 18.61 -0.34 -8.72
N VAL A 71 17.48 -1.04 -8.69
CA VAL A 71 16.98 -1.63 -7.45
C VAL A 71 16.75 -3.11 -7.71
N GLN A 72 16.91 -3.88 -6.66
CA GLN A 72 16.70 -5.33 -6.73
C GLN A 72 15.21 -5.60 -6.74
N THR A 73 14.78 -6.48 -7.62
CA THR A 73 13.39 -6.90 -7.65
C THR A 73 13.28 -8.35 -7.17
N VAL A 74 12.06 -8.74 -6.84
CA VAL A 74 11.72 -10.07 -6.38
C VAL A 74 10.61 -10.57 -7.29
N PRO A 75 10.69 -11.81 -7.80
CA PRO A 75 9.58 -12.32 -8.63
C PRO A 75 8.24 -12.17 -7.92
N HIS A 76 7.19 -11.95 -8.73
CA HIS A 76 5.86 -11.69 -8.20
C HIS A 76 5.41 -12.73 -7.19
N GLN A 77 5.50 -14.01 -7.56
CA GLN A 77 5.03 -15.05 -6.65
C GLN A 77 5.71 -14.93 -5.28
N GLN A 78 7.03 -14.82 -5.29
CA GLN A 78 7.79 -14.75 -4.04
C GLN A 78 7.49 -13.46 -3.30
N ALA A 79 7.31 -12.35 -4.00
CA ALA A 79 7.01 -11.08 -3.34
C ALA A 79 5.66 -11.12 -2.62
N LEU A 80 4.64 -11.62 -3.30
CA LEU A 80 3.31 -11.68 -2.72
C LEU A 80 3.27 -12.65 -1.57
N THR A 81 3.90 -13.81 -1.74
CA THR A 81 4.01 -14.76 -0.64
C THR A 81 4.74 -14.14 0.55
N GLY A 82 5.80 -13.36 0.30
CA GLY A 82 6.48 -12.69 1.41
C GLY A 82 5.56 -11.78 2.21
N PHE A 83 4.69 -11.04 1.51
CA PHE A 83 3.78 -10.15 2.19
C PHE A 83 2.77 -10.95 3.02
N ILE A 84 2.30 -12.07 2.47
CA ILE A 84 1.39 -12.92 3.22
C ILE A 84 2.08 -13.45 4.47
N ARG A 85 3.32 -13.93 4.32
CA ARG A 85 4.07 -14.43 5.49
C ARG A 85 4.28 -13.34 6.52
N PHE A 86 4.50 -12.11 6.07
CA PHE A 86 4.58 -10.99 6.98
C PHE A 86 3.30 -10.85 7.79
N LEU A 87 2.16 -10.88 7.11
CA LEU A 87 0.88 -10.73 7.78
C LEU A 87 0.60 -11.89 8.71
N GLN A 88 1.05 -13.09 8.34
CA GLN A 88 0.80 -14.28 9.13
C GLN A 88 1.69 -14.31 10.38
N ASN A 89 2.94 -13.91 10.23
CA ASN A 89 3.95 -14.24 11.22
C ASN A 89 4.57 -13.05 11.94
N GLN A 90 4.51 -11.83 11.40
CA GLN A 90 5.43 -10.79 11.84
C GLN A 90 4.77 -9.62 12.54
N THR A 91 3.45 -9.57 12.66
CA THR A 91 2.83 -8.41 13.28
C THR A 91 2.54 -8.59 14.76
N PHE A 92 2.59 -9.85 15.27
CA PHE A 92 2.41 -10.15 16.69
C PHE A 92 0.99 -9.80 17.16
N GLY A 93 0.03 -10.09 16.30
CA GLY A 93 -1.39 -9.87 16.60
C GLY A 93 -2.20 -10.23 15.37
N ARG A 94 -3.45 -9.78 15.35
CA ARG A 94 -4.38 -10.06 14.27
C ARG A 94 -4.46 -8.83 13.37
N PRO A 95 -3.88 -8.86 12.18
CA PRO A 95 -3.71 -7.61 11.42
C PRO A 95 -4.98 -7.12 10.73
N ILE A 96 -5.05 -5.80 10.60
CA ILE A 96 -6.04 -5.11 9.79
C ILE A 96 -5.26 -4.14 8.92
N LEU A 97 -5.52 -4.15 7.64
CA LEU A 97 -4.78 -3.32 6.70
C LEU A 97 -5.27 -1.88 6.81
N VAL A 98 -4.39 -0.94 6.48
CA VAL A 98 -4.73 0.50 6.46
C VAL A 98 -4.01 1.10 5.28
N GLY A 99 -4.71 1.80 4.40
CA GLY A 99 -4.05 2.42 3.24
C GLY A 99 -4.84 3.63 2.76
N HIS A 100 -4.15 4.54 2.09
CA HIS A 100 -4.72 5.80 1.65
C HIS A 100 -5.33 5.60 0.26
N ASN A 101 -6.66 5.70 0.17
CA ASN A 101 -7.39 5.32 -1.06
C ASN A 101 -7.32 3.82 -1.30
N SER A 102 -7.29 3.05 -0.22
CA SER A 102 -7.16 1.59 -0.36
C SER A 102 -8.39 0.95 -0.98
N ARG A 103 -9.58 1.49 -0.73
CA ARG A 103 -10.79 0.85 -1.24
C ARG A 103 -10.88 0.95 -2.76
N ARG A 104 -10.56 2.10 -3.34
CA ARG A 104 -10.69 2.33 -4.76
C ARG A 104 -9.38 2.16 -5.53
N PHE A 105 -8.25 2.02 -4.85
CA PHE A 105 -6.99 1.86 -5.59
C PHE A 105 -6.20 0.65 -5.14
N ASP A 106 -5.64 0.67 -3.93
CA ASP A 106 -4.66 -0.35 -3.58
C ASP A 106 -5.28 -1.74 -3.51
N TRP A 107 -6.44 -1.86 -2.89
CA TRP A 107 -6.98 -3.21 -2.73
C TRP A 107 -7.43 -3.80 -4.06
N PRO A 108 -8.14 -3.09 -4.91
CA PRO A 108 -8.50 -3.67 -6.22
C PRO A 108 -7.30 -4.14 -6.99
N ILE A 109 -6.19 -3.41 -6.95
CA ILE A 109 -4.98 -3.82 -7.63
C ILE A 109 -4.38 -5.06 -6.99
N LEU A 110 -4.17 -5.03 -5.68
CA LEU A 110 -3.55 -6.16 -5.00
C LEU A 110 -4.43 -7.40 -5.08
N ARG A 111 -5.75 -7.24 -4.99
CA ARG A 111 -6.65 -8.38 -5.12
C ARG A 111 -6.46 -9.07 -6.47
N ARG A 112 -6.41 -8.29 -7.53
CA ARG A 112 -6.29 -8.82 -8.87
C ARG A 112 -4.97 -9.57 -9.06
N VAL A 113 -3.87 -8.95 -8.65
CA VAL A 113 -2.56 -9.57 -8.80
C VAL A 113 -2.46 -10.83 -7.92
N LEU A 114 -2.96 -10.77 -6.69
CA LEU A 114 -2.95 -11.96 -5.85
C LEU A 114 -3.64 -13.12 -6.57
N GLU A 115 -4.79 -12.83 -7.19
CA GLU A 115 -5.56 -13.87 -7.85
C GLU A 115 -4.79 -14.45 -9.04
N GLU A 116 -4.05 -13.60 -9.75
CA GLU A 116 -3.28 -14.09 -10.88
C GLU A 116 -2.32 -15.17 -10.44
N PHE A 117 -1.87 -15.14 -9.18
CA PHE A 117 -0.86 -16.06 -8.69
C PHE A 117 -1.45 -17.08 -7.74
N GLY A 118 -2.78 -17.16 -7.68
CA GLY A 118 -3.39 -18.18 -6.83
C GLY A 118 -3.23 -17.94 -5.33
N LEU A 119 -3.05 -16.69 -4.91
CA LEU A 119 -2.77 -16.37 -3.52
C LEU A 119 -3.91 -15.62 -2.83
N LEU A 120 -5.02 -15.36 -3.51
CA LEU A 120 -6.00 -14.47 -2.92
C LEU A 120 -6.66 -15.11 -1.70
N GLN A 121 -7.03 -16.39 -1.76
CA GLN A 121 -7.73 -16.95 -0.61
C GLN A 121 -6.79 -17.16 0.57
N GLU A 122 -5.52 -17.51 0.35
CA GLU A 122 -4.58 -17.54 1.47
C GLU A 122 -4.46 -16.14 2.08
N PHE A 123 -4.36 -15.12 1.25
CA PHE A 123 -4.30 -13.75 1.73
C PHE A 123 -5.50 -13.44 2.61
N ARG A 124 -6.71 -13.71 2.09
CA ARG A 124 -7.92 -13.41 2.85
C ARG A 124 -8.04 -14.26 4.10
N SER A 125 -7.30 -15.36 4.19
CA SER A 125 -7.32 -16.15 5.41
CA SER A 125 -7.30 -16.15 5.41
C SER A 125 -6.45 -15.56 6.51
N CYS A 126 -5.59 -14.59 6.20
CA CYS A 126 -4.76 -13.98 7.24
C CYS A 126 -5.13 -12.54 7.55
N VAL A 127 -5.95 -11.91 6.72
CA VAL A 127 -6.41 -10.56 6.98
C VAL A 127 -7.78 -10.43 6.33
N SER A 128 -8.69 -9.76 7.01
CA SER A 128 -10.08 -9.71 6.58
C SER A 128 -10.63 -8.30 6.37
N GLU A 129 -9.98 -7.27 6.89
CA GLU A 129 -10.52 -5.93 6.84
C GLU A 129 -9.43 -4.94 6.47
N CYS A 130 -9.87 -3.79 5.95
CA CYS A 130 -8.97 -2.72 5.55
C CYS A 130 -9.61 -1.40 5.86
N VAL A 131 -8.81 -0.47 6.37
CA VAL A 131 -9.23 0.88 6.71
C VAL A 131 -8.77 1.81 5.59
N ASP A 132 -9.65 2.72 5.15
CA ASP A 132 -9.28 3.69 4.12
C ASP A 132 -9.06 5.07 4.73
N THR A 133 -7.79 5.49 4.81
CA THR A 133 -7.50 6.77 5.42
C THR A 133 -7.89 7.95 4.55
N LEU A 134 -8.17 7.73 3.27
CA LEU A 134 -8.62 8.84 2.45
C LEU A 134 -10.01 9.28 2.89
N SER A 135 -10.96 8.34 2.89
CA SER A 135 -12.30 8.71 3.31
C SER A 135 -12.30 9.02 4.81
N LEU A 136 -11.46 8.35 5.60
CA LEU A 136 -11.39 8.68 7.03
C LEU A 136 -10.94 10.12 7.26
N SER A 137 -9.85 10.53 6.62
CA SER A 137 -9.38 11.91 6.77
C SER A 137 -10.40 12.91 6.24
N ARG A 138 -11.11 12.56 5.17
CA ARG A 138 -12.15 13.48 4.67
C ARG A 138 -13.29 13.64 5.67
N GLU A 139 -13.60 12.62 6.46
CA GLU A 139 -14.59 12.77 7.53
C GLU A 139 -14.00 13.56 8.70
N MET A 140 -12.82 13.16 9.19
CA MET A 140 -12.27 13.81 10.37
C MET A 140 -12.07 15.31 10.13
N PHE A 141 -11.68 15.68 8.91
CA PHE A 141 -11.39 17.07 8.56
C PHE A 141 -12.38 17.61 7.52
N ARG A 142 -13.60 17.06 7.56
CA ARG A 142 -14.68 17.58 6.74
C ARG A 142 -14.87 19.06 7.04
N ASN A 143 -15.01 19.85 5.99
CA ASN A 143 -15.18 21.29 6.14
C ASN A 143 -13.99 21.91 6.88
N ALA A 144 -12.82 21.26 6.85
CA ALA A 144 -11.64 21.80 7.51
C ALA A 144 -10.48 21.90 6.51
N LEU A 145 -10.17 20.79 5.85
CA LEU A 145 -9.12 20.79 4.84
C LEU A 145 -9.73 20.84 3.47
N GLN A 146 -9.02 21.42 2.51
CA GLN A 146 -9.50 21.39 1.14
C GLN A 146 -8.72 20.40 0.29
N LYS A 147 -7.72 19.72 0.83
CA LYS A 147 -6.97 18.70 0.13
C LYS A 147 -6.74 17.52 1.05
N PHE A 148 -6.68 16.33 0.47
CA PHE A 148 -6.50 15.11 1.26
C PHE A 148 -5.52 14.13 0.63
N SER A 149 -4.70 14.60 -0.30
CA SER A 149 -3.64 13.75 -0.84
C SER A 149 -2.60 13.50 0.23
N GLN A 150 -1.98 12.32 0.19
CA GLN A 150 -1.05 12.00 1.26
C GLN A 150 0.11 13.00 1.31
N PRO A 151 0.73 13.41 0.21
CA PRO A 151 1.83 14.38 0.34
C PRO A 151 1.39 15.66 1.01
N PHE A 152 0.23 16.18 0.62
CA PHE A 152 -0.29 17.38 1.27
C PHE A 152 -0.45 17.13 2.77
N LEU A 153 -1.06 16.00 3.13
CA LEU A 153 -1.34 15.74 4.53
C LEU A 153 -0.06 15.63 5.35
N VAL A 154 0.95 14.95 4.81
CA VAL A 154 2.24 14.82 5.49
C VAL A 154 2.86 16.20 5.72
N GLN A 155 2.82 17.05 4.69
CA GLN A 155 3.36 18.39 4.85
C GLN A 155 2.57 19.17 5.88
N HIS A 156 1.24 19.00 5.89
CA HIS A 156 0.42 19.80 6.78
C HIS A 156 0.52 19.35 8.22
N PHE A 157 0.53 18.05 8.45
CA PHE A 157 0.44 17.54 9.81
C PHE A 157 1.77 17.15 10.40
N LEU A 158 2.76 16.83 9.55
CA LEU A 158 4.08 16.42 10.02
C LEU A 158 5.04 17.52 9.56
N HIS A 165 7.40 9.52 -4.58
CA HIS A 165 6.50 8.56 -3.94
C HIS A 165 7.20 7.20 -3.79
N ASP A 166 7.74 6.96 -2.60
CA ASP A 166 8.49 5.75 -2.27
C ASP A 166 7.71 4.95 -1.23
N ALA A 167 7.12 3.82 -1.64
CA ALA A 167 6.24 3.12 -0.72
C ALA A 167 6.85 2.85 0.68
N SER A 168 8.19 2.78 0.84
CA SER A 168 8.76 2.54 2.19
C SER A 168 8.64 3.76 3.11
N GLU A 169 8.94 4.93 2.60
CA GLU A 169 8.71 6.16 3.36
C GLU A 169 7.22 6.44 3.47
N ASP A 170 6.46 6.07 2.45
CA ASP A 170 5.04 6.43 2.46
C ASP A 170 4.24 5.64 3.48
N VAL A 171 4.59 4.38 3.73
CA VAL A 171 3.86 3.67 4.77
C VAL A 171 4.23 4.25 6.12
N ARG A 172 5.48 4.66 6.28
CA ARG A 172 5.90 5.24 7.54
C ARG A 172 5.15 6.52 7.85
N THR A 173 5.04 7.41 6.86
CA THR A 173 4.37 8.67 7.12
C THR A 173 2.87 8.49 7.28
N LEU A 174 2.27 7.50 6.62
CA LEU A 174 0.85 7.24 6.86
C LEU A 174 0.65 6.73 8.28
N GLN A 175 1.55 5.86 8.74
CA GLN A 175 1.42 5.41 10.13
C GLN A 175 1.54 6.58 11.10
N GLU A 176 2.46 7.50 10.83
CA GLU A 176 2.63 8.64 11.71
C GLU A 176 1.42 9.58 11.64
N LEU A 177 0.90 9.85 10.44
CA LEU A 177 -0.32 10.65 10.32
C LEU A 177 -1.42 10.05 11.16
N TYR A 178 -1.63 8.75 11.00
CA TYR A 178 -2.67 8.09 11.78
C TYR A 178 -2.47 8.30 13.27
N ARG A 179 -1.22 8.20 13.73
CA ARG A 179 -0.94 8.38 15.14
C ARG A 179 -1.25 9.81 15.59
N VAL A 180 -0.92 10.80 14.76
CA VAL A 180 -1.23 12.19 15.06
C VAL A 180 -2.75 12.38 15.14
N TRP A 181 -3.45 11.83 14.16
CA TRP A 181 -4.90 12.03 14.09
C TRP A 181 -5.63 11.34 15.25
N ARG A 182 -5.09 10.24 15.76
CA ARG A 182 -5.70 9.48 16.86
C ARG A 182 -7.17 9.17 16.58
N PRO A 183 -7.51 8.49 15.50
CA PRO A 183 -8.93 8.29 15.19
C PRO A 183 -9.55 7.34 16.17
N SER A 184 -10.78 7.66 16.58
CA SER A 184 -11.51 6.78 17.46
C SER A 184 -11.84 5.49 16.75
N LEU A 185 -12.17 4.47 17.54
CA LEU A 185 -12.55 3.20 16.95
C LEU A 185 -13.83 3.35 16.12
N GLU A 186 -14.72 4.21 16.57
CA GLU A 186 -15.97 4.41 15.84
C GLU A 186 -15.71 5.06 14.49
N LEU A 187 -14.82 6.05 14.44
CA LEU A 187 -14.44 6.61 13.16
C LEU A 187 -13.73 5.59 12.28
N ARG A 188 -12.80 4.83 12.85
CA ARG A 188 -12.10 3.82 12.08
C ARG A 188 -13.08 2.83 11.46
N ASP A 189 -14.01 2.32 12.27
CA ASP A 189 -15.02 1.37 11.76
C ASP A 189 -15.82 1.97 10.63
N ASN A 190 -16.04 3.27 10.66
CA ASN A 190 -16.79 3.93 9.60
C ASN A 190 -16.08 3.85 8.25
N HIS A 191 -14.77 3.60 8.25
CA HIS A 191 -13.94 3.57 7.03
C HIS A 191 -13.22 2.25 6.89
N THR A 192 -13.83 1.21 7.43
CA THR A 192 -13.35 -0.15 7.32
C THR A 192 -14.24 -0.91 6.33
N PHE A 193 -13.62 -1.66 5.42
CA PHE A 193 -14.33 -2.52 4.49
C PHE A 193 -13.74 -3.92 4.52
N ARG A 194 -14.53 -4.88 4.07
CA ARG A 194 -14.13 -6.27 4.07
C ARG A 194 -13.36 -6.63 2.80
N LEU A 195 -12.28 -7.38 2.97
CA LEU A 195 -11.47 -7.78 1.84
C LEU A 195 -12.08 -8.98 1.15
#